data_3TCH
#
_entry.id   3TCH
#
_cell.length_a   57.409
_cell.length_b   82.275
_cell.length_c   125.935
_cell.angle_alpha   90.000
_cell.angle_beta   90.000
_cell.angle_gamma   90.000
#
_symmetry.space_group_name_H-M   'P 21 21 21'
#
loop_
_entity.id
_entity.type
_entity.pdbx_description
1 polymer 'Periplasmic oligopeptide-binding protein'
2 water water
#
_entity_poly.entity_id   1
_entity_poly.type   'polypeptide(L)'
_entity_poly.pdbx_seq_one_letter_code
;MADVPAGVTLAEKQTLVRNNGSEVQSLDPHKIEGVPESNISRDLFEGLLVSDLDGHPAPGVAESWDNKDAKVWTFHLRKD
AKWSDGTPVTAQDFVYSWQRSVDPNTASPYASYLQYGHIAGIDEILEGKKPITDLGVKAIDDHTLEVTLSEPVPYFYKLL
VHPSTSPVPKAAIEKFGEKWTQPGNIVTNGAYTLKDWVVNERIVLERSPTYWNNAKTVINQVTYLPIASEVTDVNRYRSG
EIDMTNNSMPIELFQKLKKEIPDEVHVDPYLCTYYYEINNQKPPFNDVRVRTALKLGMDRDIIVNKVKAQGNMPAYGYTP
PYTDGAKLTQPEWFGWSQEKRNEEAKKLLAEAGYTADKPLTINLLYNTSDLHKKLAIAASSLWKKNIGVNVKLVNQEWKT
FLDTRHQGTFDVARAGWCADYNEPTSFLNTMLSNSSMNTAHYKSPAFDSIMAETLKVTDEAQRTALYTKAEQQLDKDSAI
VPVYYYVNARLVKPWVGGYTGKDPLDNTYTRNMYIVKHHHHHHH
;
_entity_poly.pdbx_strand_id   A
#
# COMPACT_ATOMS: atom_id res chain seq x y z
N ALA A 2 17.69 -12.35 8.96
CA ALA A 2 18.64 -11.48 8.22
C ALA A 2 19.64 -12.32 7.43
N ASP A 3 20.03 -11.83 6.26
CA ASP A 3 21.13 -12.42 5.50
C ASP A 3 22.29 -11.42 5.46
N VAL A 4 23.25 -11.64 6.36
CA VAL A 4 24.37 -10.75 6.51
C VAL A 4 25.35 -11.04 5.35
N PRO A 5 25.67 -10.01 4.54
CA PRO A 5 26.53 -10.32 3.39
C PRO A 5 27.93 -10.81 3.80
N ALA A 6 28.53 -11.64 2.97
CA ALA A 6 29.93 -12.04 3.15
C ALA A 6 30.82 -10.83 3.44
N GLY A 7 31.67 -10.93 4.45
CA GLY A 7 32.68 -9.89 4.74
C GLY A 7 32.26 -8.76 5.67
N VAL A 8 30.97 -8.65 5.98
CA VAL A 8 30.49 -7.62 6.90
C VAL A 8 30.87 -8.03 8.31
N THR A 9 31.37 -7.09 9.08
CA THR A 9 31.67 -7.28 10.50
C THR A 9 30.52 -6.69 11.28
N LEU A 10 29.89 -7.49 12.13
CA LEU A 10 28.72 -7.05 12.90
C LEU A 10 29.16 -6.30 14.15
N ALA A 11 28.40 -5.27 14.54
CA ALA A 11 28.64 -4.59 15.83
C ALA A 11 28.38 -5.52 17.02
N GLU A 12 29.09 -5.29 18.12
CA GLU A 12 28.89 -6.08 19.35
C GLU A 12 27.51 -5.81 19.91
N LYS A 13 27.06 -4.58 19.82
CA LYS A 13 25.73 -4.17 20.31
C LYS A 13 24.72 -4.18 19.16
N GLN A 14 23.78 -5.13 19.17
CA GLN A 14 22.79 -5.26 18.11
C GLN A 14 21.42 -4.74 18.56
N THR A 15 21.33 -3.42 18.64
CA THR A 15 20.12 -2.72 19.02
C THR A 15 19.81 -1.65 17.99
N LEU A 16 18.54 -1.29 17.91
CA LEU A 16 18.02 -0.40 16.87
C LEU A 16 16.96 0.53 17.46
N VAL A 17 17.01 1.82 17.12
CA VAL A 17 16.01 2.81 17.52
C VAL A 17 15.41 3.42 16.28
N ARG A 18 14.10 3.25 16.13
CA ARG A 18 13.34 3.76 14.99
C ARG A 18 12.25 4.68 15.46
N ASN A 19 12.04 5.78 14.74
CA ASN A 19 10.86 6.57 14.97
C ASN A 19 9.72 6.02 14.17
N ASN A 20 8.58 5.89 14.84
CA ASN A 20 7.40 5.31 14.26
C ASN A 20 6.34 6.36 13.91
N GLY A 21 6.58 7.63 14.24
CA GLY A 21 5.77 8.74 13.71
C GLY A 21 4.56 9.19 14.52
N SER A 22 4.14 8.36 15.46
CA SER A 22 2.95 8.62 16.28
C SER A 22 2.80 7.48 17.27
N GLU A 23 1.97 7.72 18.28
CA GLU A 23 1.67 6.74 19.30
C GLU A 23 0.72 5.72 18.69
N VAL A 24 1.16 4.47 18.61
CA VAL A 24 0.27 3.39 18.21
C VAL A 24 -0.80 3.18 19.29
N GLN A 25 -2.03 2.96 18.88
CA GLN A 25 -3.15 2.73 19.81
C GLN A 25 -3.31 1.25 20.14
N SER A 26 -3.01 0.37 19.16
CA SER A 26 -3.24 -1.07 19.30
C SER A 26 -2.09 -1.94 18.81
N LEU A 27 -1.86 -3.07 19.50
CA LEU A 27 -0.95 -4.12 19.03
C LEU A 27 -1.71 -5.36 18.57
N ASP A 28 -3.04 -5.28 18.60
CA ASP A 28 -3.89 -6.39 18.18
C ASP A 28 -4.03 -6.36 16.65
N PRO A 29 -3.57 -7.42 15.93
CA PRO A 29 -3.66 -7.36 14.47
C PRO A 29 -5.03 -7.08 13.88
N HIS A 30 -6.10 -7.39 14.61
CA HIS A 30 -7.45 -7.16 14.12
C HIS A 30 -8.03 -5.79 14.50
N LYS A 31 -7.25 -4.97 15.19
CA LYS A 31 -7.69 -3.62 15.54
C LYS A 31 -6.87 -2.54 14.86
N ILE A 32 -5.76 -2.92 14.25
CA ILE A 32 -4.81 -1.94 13.78
C ILE A 32 -5.31 -1.24 12.51
N GLU A 33 -4.86 -0.02 12.31
CA GLU A 33 -4.91 0.56 10.98
C GLU A 33 -3.78 1.54 10.79
N GLY A 34 -3.14 1.46 9.64
CA GLY A 34 -2.08 2.39 9.30
C GLY A 34 -0.70 1.82 9.47
N VAL A 35 0.28 2.63 9.07
CA VAL A 35 1.66 2.21 8.97
C VAL A 35 2.29 2.04 10.36
N PRO A 36 2.10 3.03 11.26
CA PRO A 36 2.76 2.85 12.55
C PRO A 36 2.41 1.53 13.24
N GLU A 37 1.12 1.20 13.30
CA GLU A 37 0.68 -0.03 13.91
C GLU A 37 1.14 -1.25 13.11
N SER A 38 1.10 -1.15 11.79
CA SER A 38 1.56 -2.24 10.91
C SER A 38 3.05 -2.56 11.06
N ASN A 39 3.90 -1.54 11.19
CA ASN A 39 5.34 -1.75 11.49
C ASN A 39 5.58 -2.65 12.72
N ILE A 40 4.92 -2.33 13.82
CA ILE A 40 5.14 -3.08 15.04
C ILE A 40 4.51 -4.48 14.89
N SER A 41 3.37 -4.54 14.21
CA SER A 41 2.67 -5.82 14.03
C SER A 41 3.57 -6.83 13.32
N ARG A 42 4.31 -6.39 12.30
CA ARG A 42 5.17 -7.32 11.54
C ARG A 42 6.32 -7.89 12.34
N ASP A 43 6.74 -7.17 13.38
CA ASP A 43 7.75 -7.70 14.30
C ASP A 43 7.18 -8.72 15.28
N LEU A 44 5.92 -8.54 15.66
CA LEU A 44 5.30 -9.35 16.72
C LEU A 44 4.52 -10.56 16.20
N PHE A 45 3.86 -10.42 15.06
CA PHE A 45 3.02 -11.48 14.52
C PHE A 45 3.39 -11.83 13.07
N GLU A 46 3.39 -13.12 12.76
CA GLU A 46 3.76 -13.60 11.43
C GLU A 46 2.65 -14.44 10.82
N GLY A 47 2.29 -14.09 9.60
CA GLY A 47 1.24 -14.77 8.88
C GLY A 47 1.80 -15.92 8.07
N LEU A 48 1.00 -16.43 7.14
CA LEU A 48 1.37 -17.59 6.36
C LEU A 48 2.53 -17.27 5.44
N LEU A 49 2.54 -16.05 4.89
CA LEU A 49 3.66 -15.57 4.07
C LEU A 49 4.17 -14.25 4.60
N VAL A 50 5.41 -13.93 4.23
CA VAL A 50 6.00 -12.63 4.50
C VAL A 50 6.53 -12.01 3.19
N SER A 51 6.86 -10.73 3.23
CA SER A 51 7.50 -10.07 2.11
C SER A 51 9.03 -10.14 2.25
N ASP A 52 9.70 -10.61 1.21
CA ASP A 52 11.15 -10.60 1.18
C ASP A 52 11.68 -9.18 0.93
N LEU A 53 12.99 -9.05 0.86
CA LEU A 53 13.62 -7.72 0.74
C LEU A 53 13.25 -6.98 -0.54
N ASP A 54 12.80 -7.71 -1.57
CA ASP A 54 12.33 -7.10 -2.83
C ASP A 54 10.82 -6.95 -2.82
N GLY A 55 10.18 -7.25 -1.69
CA GLY A 55 8.74 -7.09 -1.60
C GLY A 55 7.95 -8.25 -2.19
N HIS A 56 8.64 -9.34 -2.57
CA HIS A 56 7.97 -10.51 -3.13
C HIS A 56 7.58 -11.48 -2.01
N PRO A 57 6.46 -12.18 -2.19
CA PRO A 57 5.99 -13.14 -1.19
C PRO A 57 6.99 -14.24 -0.97
N ALA A 58 7.11 -14.64 0.28
CA ALA A 58 8.02 -15.69 0.68
C ALA A 58 7.44 -16.42 1.88
N PRO A 59 8.01 -17.59 2.22
CA PRO A 59 7.44 -18.38 3.29
C PRO A 59 7.43 -17.70 4.65
N GLY A 60 6.29 -17.80 5.33
CA GLY A 60 6.19 -17.35 6.70
C GLY A 60 5.95 -18.57 7.56
N VAL A 61 4.80 -18.62 8.23
CA VAL A 61 4.40 -19.83 8.95
C VAL A 61 4.20 -20.99 7.93
N ALA A 62 3.66 -20.70 6.75
CA ALA A 62 3.59 -21.72 5.67
C ALA A 62 4.96 -21.88 5.04
N GLU A 63 5.49 -23.10 5.01
CA GLU A 63 6.74 -23.37 4.32
C GLU A 63 6.50 -23.60 2.80
N SER A 64 5.28 -24.00 2.43
CA SER A 64 4.91 -24.18 1.04
C SER A 64 3.39 -24.17 0.89
N TRP A 65 2.92 -24.05 -0.34
CA TRP A 65 1.50 -23.98 -0.61
C TRP A 65 1.27 -24.41 -2.07
N ASP A 66 0.01 -24.69 -2.40
CA ASP A 66 -0.37 -25.06 -3.76
C ASP A 66 -1.88 -24.79 -3.92
N ASN A 67 -2.38 -24.92 -5.16
CA ASN A 67 -3.77 -24.59 -5.42
C ASN A 67 -4.38 -25.39 -6.56
N LYS A 68 -5.71 -25.55 -6.48
CA LYS A 68 -6.45 -26.19 -7.53
C LYS A 68 -7.33 -25.13 -8.18
N ASP A 69 -6.99 -24.83 -9.44
CA ASP A 69 -7.68 -23.82 -10.28
C ASP A 69 -7.79 -22.43 -9.68
N ALA A 70 -6.82 -22.07 -8.85
CA ALA A 70 -6.87 -20.81 -8.12
C ALA A 70 -8.08 -20.66 -7.21
N LYS A 71 -8.79 -21.75 -6.93
CA LYS A 71 -10.03 -21.71 -6.10
C LYS A 71 -9.92 -22.42 -4.75
N VAL A 72 -9.10 -23.47 -4.67
CA VAL A 72 -8.86 -24.13 -3.40
C VAL A 72 -7.37 -24.10 -3.12
N TRP A 73 -7.00 -23.40 -2.05
CA TRP A 73 -5.61 -23.19 -1.72
C TRP A 73 -5.23 -23.98 -0.48
N THR A 74 -4.13 -24.71 -0.56
CA THR A 74 -3.63 -25.47 0.57
C THR A 74 -2.30 -24.91 1.02
N PHE A 75 -2.21 -24.60 2.30
CA PHE A 75 -0.99 -24.10 2.94
C PHE A 75 -0.41 -25.17 3.87
N HIS A 76 0.85 -25.50 3.65
CA HIS A 76 1.57 -26.48 4.44
C HIS A 76 2.40 -25.72 5.47
N LEU A 77 1.89 -25.72 6.71
CA LEU A 77 2.52 -25.00 7.80
C LEU A 77 3.75 -25.76 8.29
N ARG A 78 4.85 -25.05 8.51
CA ARG A 78 5.99 -25.66 9.14
C ARG A 78 5.57 -26.18 10.54
N LYS A 79 6.10 -27.35 10.89
CA LYS A 79 5.72 -28.03 12.13
C LYS A 79 6.40 -27.45 13.37
N ASP A 80 7.43 -26.65 13.16
CA ASP A 80 8.17 -26.06 14.25
C ASP A 80 7.86 -24.56 14.48
N ALA A 81 6.77 -24.05 13.91
CA ALA A 81 6.36 -22.67 14.19
C ALA A 81 5.80 -22.62 15.61
N LYS A 82 6.24 -21.63 16.38
CA LYS A 82 5.86 -21.53 17.77
C LYS A 82 5.48 -20.11 18.16
N TRP A 83 4.55 -20.04 19.12
CA TRP A 83 4.27 -18.85 19.91
C TRP A 83 5.31 -18.63 21.00
N SER A 84 5.30 -17.42 21.56
CA SER A 84 6.26 -17.02 22.59
C SER A 84 6.13 -17.77 23.93
N ASP A 85 5.03 -18.48 24.14
CA ASP A 85 4.88 -19.35 25.34
C ASP A 85 5.33 -20.79 25.04
N GLY A 86 5.90 -20.99 23.85
CA GLY A 86 6.48 -22.27 23.43
C GLY A 86 5.51 -23.21 22.75
N THR A 87 4.25 -22.81 22.67
CA THR A 87 3.23 -23.70 22.13
C THR A 87 3.19 -23.59 20.60
N PRO A 88 2.69 -24.63 19.91
CA PRO A 88 2.70 -24.67 18.45
C PRO A 88 1.75 -23.67 17.77
N VAL A 89 2.18 -23.08 16.66
CA VAL A 89 1.24 -22.36 15.79
C VAL A 89 0.62 -23.42 14.89
N THR A 90 -0.70 -23.48 14.85
CA THR A 90 -1.38 -24.53 14.13
C THR A 90 -2.31 -23.95 13.07
N ALA A 91 -2.80 -24.81 12.21
CA ALA A 91 -3.82 -24.40 11.25
C ALA A 91 -5.09 -23.86 11.96
N GLN A 92 -5.47 -24.44 13.09
CA GLN A 92 -6.64 -23.94 13.81
C GLN A 92 -6.46 -22.49 14.31
N ASP A 93 -5.24 -22.11 14.67
CA ASP A 93 -4.96 -20.71 15.02
C ASP A 93 -5.42 -19.80 13.86
N PHE A 94 -5.17 -20.23 12.63
CA PHE A 94 -5.50 -19.38 11.49
C PHE A 94 -7.00 -19.36 11.21
N VAL A 95 -7.66 -20.50 11.39
CA VAL A 95 -9.11 -20.58 11.27
C VAL A 95 -9.77 -19.61 12.27
N TYR A 96 -9.34 -19.68 13.54
CA TYR A 96 -9.86 -18.79 14.57
C TYR A 96 -9.61 -17.33 14.22
N SER A 97 -8.40 -17.04 13.73
CA SER A 97 -7.97 -15.67 13.52
C SER A 97 -8.71 -15.03 12.34
N TRP A 98 -8.83 -15.76 11.24
CA TRP A 98 -9.53 -15.22 10.07
C TRP A 98 -11.02 -15.01 10.33
N GLN A 99 -11.63 -15.93 11.08
CA GLN A 99 -12.99 -15.77 11.52
C GLN A 99 -13.14 -14.50 12.37
N ARG A 100 -12.19 -14.28 13.30
CA ARG A 100 -12.21 -13.09 14.15
C ARG A 100 -12.01 -11.81 13.33
N SER A 101 -11.12 -11.86 12.35
N SER A 101 -11.14 -11.85 12.33
CA SER A 101 -10.84 -10.75 11.42
CA SER A 101 -10.87 -10.67 11.50
C SER A 101 -12.10 -10.22 10.73
C SER A 101 -12.08 -10.20 10.68
N VAL A 102 -12.91 -11.13 10.20
CA VAL A 102 -14.09 -10.76 9.42
C VAL A 102 -15.35 -10.53 10.27
N ASP A 103 -15.31 -10.97 11.53
CA ASP A 103 -16.46 -10.84 12.43
C ASP A 103 -16.83 -9.37 12.69
N PRO A 104 -18.09 -8.96 12.36
CA PRO A 104 -18.49 -7.58 12.68
C PRO A 104 -18.36 -7.24 14.17
N ASN A 105 -18.47 -8.24 15.04
CA ASN A 105 -18.22 -8.03 16.46
C ASN A 105 -16.80 -7.52 16.77
N THR A 106 -15.83 -7.85 15.92
CA THR A 106 -14.48 -7.39 16.11
C THR A 106 -14.29 -5.95 15.60
N ALA A 107 -15.12 -5.54 14.63
CA ALA A 107 -15.09 -4.18 14.08
C ALA A 107 -13.68 -3.84 13.60
N SER A 108 -13.07 -4.77 12.88
CA SER A 108 -11.68 -4.56 12.47
C SER A 108 -11.64 -3.51 11.36
N PRO A 109 -10.71 -2.54 11.45
CA PRO A 109 -10.54 -1.61 10.33
C PRO A 109 -10.26 -2.32 9.00
N TYR A 110 -9.71 -3.53 9.06
CA TYR A 110 -9.40 -4.29 7.85
C TYR A 110 -10.29 -5.54 7.72
N ALA A 111 -11.49 -5.49 8.27
CA ALA A 111 -12.44 -6.60 8.20
C ALA A 111 -12.59 -7.15 6.80
N SER A 112 -12.75 -6.24 5.84
N SER A 112 -12.77 -6.26 5.83
CA SER A 112 -13.03 -6.61 4.46
CA SER A 112 -13.04 -6.66 4.45
C SER A 112 -11.78 -6.98 3.66
C SER A 112 -11.79 -6.96 3.65
N TYR A 113 -10.60 -6.91 4.27
CA TYR A 113 -9.37 -7.16 3.53
C TYR A 113 -9.36 -8.53 2.82
N LEU A 114 -9.77 -9.59 3.52
CA LEU A 114 -9.84 -10.93 2.89
C LEU A 114 -10.88 -11.09 1.76
N GLN A 115 -11.80 -10.15 1.63
CA GLN A 115 -12.72 -10.13 0.49
C GLN A 115 -11.97 -9.97 -0.84
N TYR A 116 -10.78 -9.38 -0.80
CA TYR A 116 -9.93 -9.32 -2.00
C TYR A 116 -9.69 -10.74 -2.49
N GLY A 117 -9.72 -11.71 -1.58
CA GLY A 117 -9.52 -13.12 -1.93
C GLY A 117 -10.78 -13.92 -2.20
N HIS A 118 -11.95 -13.31 -1.99
CA HIS A 118 -13.21 -14.00 -2.23
C HIS A 118 -13.34 -15.38 -1.53
N ILE A 119 -12.88 -15.44 -0.27
CA ILE A 119 -13.06 -16.62 0.53
C ILE A 119 -14.57 -16.89 0.60
N ALA A 120 -14.94 -18.14 0.37
CA ALA A 120 -16.33 -18.58 0.39
C ALA A 120 -17.04 -18.08 1.64
N GLY A 121 -18.24 -17.55 1.44
CA GLY A 121 -19.08 -17.11 2.55
C GLY A 121 -18.81 -15.70 3.05
N ILE A 122 -17.71 -15.07 2.60
CA ILE A 122 -17.26 -13.84 3.26
C ILE A 122 -18.20 -12.64 3.10
N ASP A 123 -18.86 -12.52 1.96
CA ASP A 123 -19.69 -11.34 1.70
C ASP A 123 -20.79 -11.20 2.76
N GLU A 124 -21.53 -12.26 3.00
CA GLU A 124 -22.61 -12.21 3.99
C GLU A 124 -22.08 -12.21 5.42
N ILE A 125 -20.92 -12.83 5.64
CA ILE A 125 -20.35 -12.85 6.98
C ILE A 125 -19.98 -11.43 7.37
N LEU A 126 -19.38 -10.70 6.44
CA LEU A 126 -19.01 -9.31 6.67
C LEU A 126 -20.20 -8.44 7.05
N GLU A 127 -21.35 -8.67 6.40
CA GLU A 127 -22.57 -7.93 6.69
C GLU A 127 -23.33 -8.47 7.92
N GLY A 128 -22.82 -9.51 8.57
CA GLY A 128 -23.46 -10.05 9.76
C GLY A 128 -24.71 -10.87 9.49
N LYS A 129 -24.85 -11.32 8.25
CA LYS A 129 -26.02 -12.09 7.83
C LYS A 129 -25.79 -13.60 7.95
N LYS A 130 -24.53 -14.01 8.09
CA LYS A 130 -24.17 -15.43 8.27
C LYS A 130 -23.06 -15.54 9.33
N PRO A 131 -23.01 -16.66 10.07
CA PRO A 131 -22.02 -16.84 11.15
C PRO A 131 -20.60 -16.94 10.61
N ILE A 132 -19.62 -16.53 11.40
CA ILE A 132 -18.21 -16.51 11.00
C ILE A 132 -17.70 -17.92 10.73
N THR A 133 -18.33 -18.91 11.36
CA THR A 133 -17.98 -20.31 11.14
C THR A 133 -18.36 -20.81 9.74
N ASP A 134 -19.11 -20.04 8.96
CA ASP A 134 -19.34 -20.37 7.54
C ASP A 134 -18.15 -20.01 6.64
N LEU A 135 -17.15 -19.30 7.15
CA LEU A 135 -16.01 -18.86 6.33
C LEU A 135 -15.29 -20.08 5.75
N GLY A 136 -14.95 -20.02 4.45
CA GLY A 136 -14.32 -21.14 3.77
C GLY A 136 -12.84 -21.33 4.09
N VAL A 137 -12.52 -21.43 5.38
CA VAL A 137 -11.17 -21.73 5.85
C VAL A 137 -11.29 -22.90 6.82
N LYS A 138 -10.44 -23.91 6.64
CA LYS A 138 -10.53 -25.09 7.48
C LYS A 138 -9.18 -25.75 7.76
N ALA A 139 -9.06 -26.34 8.94
CA ALA A 139 -7.85 -27.01 9.35
C ALA A 139 -7.97 -28.49 8.97
N ILE A 140 -7.24 -28.93 7.96
CA ILE A 140 -7.27 -30.32 7.51
C ILE A 140 -6.61 -31.18 8.58
N ASP A 141 -5.50 -30.68 9.13
CA ASP A 141 -4.88 -31.23 10.33
C ASP A 141 -4.12 -30.08 10.98
N ASP A 142 -3.32 -30.35 12.00
CA ASP A 142 -2.64 -29.29 12.74
C ASP A 142 -1.67 -28.43 11.93
N HIS A 143 -1.19 -28.94 10.79
N HIS A 143 -1.18 -28.94 10.80
CA HIS A 143 -0.18 -28.25 10.00
CA HIS A 143 -0.19 -28.23 9.98
C HIS A 143 -0.62 -28.03 8.55
C HIS A 143 -0.63 -28.00 8.54
N THR A 144 -1.93 -28.10 8.28
CA THR A 144 -2.46 -28.01 6.92
C THR A 144 -3.73 -27.17 6.91
N LEU A 145 -3.67 -26.04 6.20
CA LEU A 145 -4.80 -25.11 6.10
C LEU A 145 -5.33 -25.12 4.66
N GLU A 146 -6.63 -25.30 4.51
CA GLU A 146 -7.29 -25.28 3.21
C GLU A 146 -8.25 -24.11 3.16
N VAL A 147 -8.13 -23.29 2.12
CA VAL A 147 -8.95 -22.10 1.98
C VAL A 147 -9.69 -22.24 0.67
N THR A 148 -11.01 -22.15 0.72
CA THR A 148 -11.86 -22.27 -0.49
C THR A 148 -12.41 -20.91 -0.87
N LEU A 149 -12.20 -20.53 -2.13
CA LEU A 149 -12.66 -19.24 -2.66
C LEU A 149 -13.91 -19.45 -3.55
N SER A 150 -14.76 -18.43 -3.67
CA SER A 150 -15.98 -18.52 -4.47
C SER A 150 -15.71 -18.24 -5.97
N GLU A 151 -14.51 -17.77 -6.32
CA GLU A 151 -14.11 -17.53 -7.71
C GLU A 151 -12.58 -17.60 -7.78
N PRO A 152 -11.99 -17.76 -9.00
CA PRO A 152 -10.54 -17.88 -9.01
C PRO A 152 -9.82 -16.58 -8.67
N VAL A 153 -8.82 -16.71 -7.80
CA VAL A 153 -7.93 -15.62 -7.47
C VAL A 153 -6.47 -16.13 -7.51
N PRO A 154 -5.82 -16.01 -8.68
CA PRO A 154 -4.45 -16.54 -8.86
C PRO A 154 -3.44 -15.91 -7.89
N TYR A 155 -3.70 -14.68 -7.48
CA TYR A 155 -2.82 -13.94 -6.58
C TYR A 155 -3.20 -14.08 -5.09
N PHE A 156 -4.04 -15.05 -4.74
CA PHE A 156 -4.52 -15.18 -3.35
C PHE A 156 -3.36 -15.23 -2.33
N TYR A 157 -2.34 -16.06 -2.60
CA TYR A 157 -1.18 -16.20 -1.71
C TYR A 157 -0.48 -14.89 -1.42
N LYS A 158 -0.52 -13.95 -2.37
CA LYS A 158 0.14 -12.68 -2.20
C LYS A 158 -0.54 -11.83 -1.12
N LEU A 159 -1.83 -12.05 -0.88
CA LEU A 159 -2.57 -11.24 0.10
C LEU A 159 -2.12 -11.51 1.52
N LEU A 160 -1.45 -12.63 1.75
CA LEU A 160 -1.33 -13.20 3.10
C LEU A 160 -0.09 -12.72 3.86
N VAL A 161 0.59 -11.72 3.30
CA VAL A 161 1.62 -10.96 4.01
C VAL A 161 1.05 -9.82 4.85
N HIS A 162 -0.21 -9.47 4.64
CA HIS A 162 -0.83 -8.33 5.29
C HIS A 162 -1.02 -8.63 6.77
N PRO A 163 -0.67 -7.66 7.66
CA PRO A 163 -0.73 -7.97 9.09
C PRO A 163 -2.11 -8.35 9.60
N SER A 164 -3.17 -7.90 8.94
CA SER A 164 -4.53 -8.31 9.32
C SER A 164 -4.84 -9.80 9.09
N THR A 165 -3.97 -10.49 8.35
CA THR A 165 -4.07 -11.94 8.14
C THR A 165 -3.17 -12.76 9.06
N SER A 166 -2.51 -12.09 10.02
CA SER A 166 -1.69 -12.77 11.01
C SER A 166 -2.56 -13.51 12.01
N PRO A 167 -2.02 -14.59 12.58
CA PRO A 167 -2.70 -15.31 13.64
C PRO A 167 -2.65 -14.55 14.95
N VAL A 168 -3.69 -14.74 15.75
CA VAL A 168 -3.71 -14.25 17.11
C VAL A 168 -4.08 -15.41 18.06
N PRO A 169 -3.65 -15.33 19.33
CA PRO A 169 -3.83 -16.39 20.33
C PRO A 169 -5.18 -16.32 21.04
N LYS A 170 -6.05 -17.27 20.72
CA LYS A 170 -7.37 -17.36 21.28
C LYS A 170 -7.39 -17.33 22.81
N ALA A 171 -6.53 -18.13 23.44
CA ALA A 171 -6.60 -18.28 24.90
C ALA A 171 -6.30 -16.95 25.63
N ALA A 172 -5.29 -16.22 25.15
CA ALA A 172 -4.99 -14.89 25.70
C ALA A 172 -6.14 -13.88 25.49
N ILE A 173 -6.73 -13.88 24.30
CA ILE A 173 -7.81 -12.96 23.98
C ILE A 173 -9.01 -13.25 24.87
N GLU A 174 -9.34 -14.52 25.05
CA GLU A 174 -10.47 -14.89 25.90
C GLU A 174 -10.19 -14.64 27.37
N LYS A 175 -8.95 -14.83 27.80
CA LYS A 175 -8.65 -14.65 29.24
C LYS A 175 -8.59 -13.17 29.59
N PHE A 176 -8.00 -12.35 28.71
CA PHE A 176 -7.67 -10.98 29.05
C PHE A 176 -8.48 -9.89 28.36
N GLY A 177 -9.28 -10.25 27.38
CA GLY A 177 -10.05 -9.28 26.60
C GLY A 177 -9.15 -8.24 25.95
N GLU A 178 -9.55 -6.97 26.06
CA GLU A 178 -8.77 -5.88 25.46
C GLU A 178 -7.38 -5.69 26.10
N LYS A 179 -7.11 -6.34 27.24
CA LYS A 179 -5.78 -6.27 27.87
C LYS A 179 -4.83 -7.37 27.41
N TRP A 180 -5.23 -8.15 26.39
CA TRP A 180 -4.37 -9.26 25.94
C TRP A 180 -3.01 -8.81 25.39
N THR A 181 -2.93 -7.58 24.86
CA THR A 181 -1.70 -7.07 24.27
C THR A 181 -0.76 -6.39 25.28
N GLN A 182 -1.14 -6.34 26.55
CA GLN A 182 -0.27 -5.81 27.59
C GLN A 182 0.99 -6.66 27.71
N PRO A 183 2.15 -6.04 28.05
CA PRO A 183 3.39 -6.79 28.24
C PRO A 183 3.28 -8.10 29.04
N GLY A 184 2.51 -8.14 30.11
CA GLY A 184 2.41 -9.39 30.89
C GLY A 184 1.56 -10.52 30.27
N ASN A 185 0.76 -10.16 29.28
CA ASN A 185 -0.33 -11.02 28.78
C ASN A 185 -0.13 -11.48 27.34
N ILE A 186 0.57 -10.68 26.55
CA ILE A 186 0.58 -10.90 25.11
C ILE A 186 1.37 -12.16 24.76
N VAL A 187 0.90 -12.89 23.75
CA VAL A 187 1.59 -14.06 23.22
C VAL A 187 1.75 -13.80 21.71
N THR A 188 2.97 -14.02 21.22
CA THR A 188 3.31 -13.52 19.88
C THR A 188 3.97 -14.64 19.11
N ASN A 189 4.04 -14.53 17.78
CA ASN A 189 4.72 -15.56 16.99
C ASN A 189 5.71 -15.01 15.97
N GLY A 190 6.01 -13.72 16.07
CA GLY A 190 7.00 -13.10 15.20
C GLY A 190 8.41 -13.22 15.78
N ALA A 191 9.31 -12.46 15.19
CA ALA A 191 10.72 -12.56 15.53
C ALA A 191 11.02 -11.88 16.86
N TYR A 192 10.08 -11.06 17.32
CA TYR A 192 10.21 -10.28 18.55
C TYR A 192 8.98 -10.48 19.45
N THR A 193 9.21 -10.20 20.75
N THR A 193 9.13 -10.22 20.74
CA THR A 193 8.17 -10.16 21.78
CA THR A 193 7.94 -10.07 21.58
C THR A 193 8.05 -8.73 22.31
C THR A 193 8.05 -8.77 22.37
N LEU A 194 6.96 -8.42 23.02
CA LEU A 194 6.81 -7.12 23.66
C LEU A 194 7.50 -7.09 25.02
N LYS A 195 8.44 -6.16 25.22
CA LYS A 195 9.10 -5.99 26.52
C LYS A 195 8.45 -4.85 27.30
N ASP A 196 8.45 -3.65 26.72
CA ASP A 196 7.96 -2.45 27.39
C ASP A 196 7.00 -1.69 26.48
N TRP A 197 5.96 -1.11 27.08
CA TRP A 197 5.06 -0.20 26.37
C TRP A 197 4.81 0.99 27.32
N VAL A 198 5.52 2.09 27.08
CA VAL A 198 5.38 3.30 27.88
C VAL A 198 4.68 4.31 27.01
N VAL A 199 3.42 4.61 27.34
CA VAL A 199 2.63 5.49 26.50
C VAL A 199 3.31 6.85 26.38
N ASN A 200 3.33 7.36 25.15
CA ASN A 200 3.95 8.62 24.79
C ASN A 200 5.45 8.65 24.96
N GLU A 201 6.10 7.49 25.13
CA GLU A 201 7.56 7.44 25.28
C GLU A 201 8.23 6.45 24.30
N ARG A 202 7.85 5.17 24.41
CA ARG A 202 8.53 4.13 23.65
C ARG A 202 7.83 2.79 23.76
N ILE A 203 7.98 2.01 22.70
CA ILE A 203 7.67 0.59 22.70
C ILE A 203 8.99 -0.13 22.45
N VAL A 204 9.29 -1.11 23.31
CA VAL A 204 10.54 -1.85 23.20
C VAL A 204 10.21 -3.31 22.97
N LEU A 205 10.76 -3.85 21.88
CA LEU A 205 10.61 -5.25 21.55
C LEU A 205 11.95 -5.98 21.73
N GLU A 206 11.86 -7.25 22.16
CA GLU A 206 13.03 -8.11 22.33
C GLU A 206 12.94 -9.35 21.46
N ARG A 207 14.11 -9.77 20.97
CA ARG A 207 14.23 -10.95 20.12
C ARG A 207 13.61 -12.15 20.81
N SER A 208 12.80 -12.91 20.05
CA SER A 208 12.01 -14.00 20.59
C SER A 208 12.70 -15.34 20.29
N PRO A 209 13.29 -15.99 21.32
CA PRO A 209 14.01 -17.24 21.13
C PRO A 209 13.19 -18.38 20.54
N THR A 210 11.88 -18.36 20.78
CA THR A 210 11.00 -19.39 20.28
C THR A 210 10.63 -19.24 18.80
N TYR A 211 10.90 -18.06 18.22
CA TYR A 211 10.61 -17.84 16.80
C TYR A 211 11.35 -18.92 15.99
N TRP A 212 10.66 -19.58 15.07
CA TRP A 212 11.26 -20.71 14.34
C TRP A 212 12.53 -20.33 13.56
N ASN A 213 12.62 -19.11 13.06
CA ASN A 213 13.82 -18.67 12.30
C ASN A 213 14.74 -17.79 13.12
N ASN A 214 14.68 -17.92 14.44
CA ASN A 214 15.48 -17.07 15.35
C ASN A 214 16.99 -17.12 15.10
N ALA A 215 17.48 -18.25 14.59
CA ALA A 215 18.92 -18.41 14.33
C ALA A 215 19.40 -17.40 13.29
N LYS A 216 18.49 -16.88 12.47
CA LYS A 216 18.80 -15.90 11.42
C LYS A 216 18.47 -14.46 11.84
N THR A 217 17.85 -14.29 13.00
CA THR A 217 17.60 -12.94 13.52
C THR A 217 18.92 -12.37 14.06
N VAL A 218 19.18 -11.08 13.85
CA VAL A 218 20.40 -10.46 14.36
C VAL A 218 20.17 -9.38 15.42
N ILE A 219 19.21 -8.48 15.18
CA ILE A 219 18.92 -7.43 16.13
C ILE A 219 18.25 -8.02 17.39
N ASN A 220 18.83 -7.73 18.56
CA ASN A 220 18.34 -8.28 19.82
C ASN A 220 17.24 -7.46 20.47
N GLN A 221 17.23 -6.16 20.19
CA GLN A 221 16.23 -5.24 20.72
C GLN A 221 15.96 -4.12 19.74
N VAL A 222 14.68 -3.81 19.58
CA VAL A 222 14.29 -2.66 18.78
C VAL A 222 13.34 -1.80 19.57
N THR A 223 13.61 -0.49 19.55
CA THR A 223 12.75 0.49 20.19
C THR A 223 12.04 1.31 19.11
N TYR A 224 10.73 1.48 19.28
CA TYR A 224 9.90 2.32 18.43
C TYR A 224 9.47 3.55 19.22
N LEU A 225 9.75 4.72 18.67
CA LEU A 225 9.38 6.00 19.29
C LEU A 225 8.17 6.64 18.60
N PRO A 226 7.47 7.54 19.32
CA PRO A 226 6.24 8.13 18.78
C PRO A 226 6.33 9.62 18.42
N ILE A 227 7.43 10.03 17.78
CA ILE A 227 7.65 11.46 17.53
C ILE A 227 6.90 11.89 16.28
N ALA A 228 5.85 12.70 16.46
CA ALA A 228 5.08 13.26 15.38
C ALA A 228 5.75 14.46 14.67
N SER A 229 6.57 15.22 15.40
CA SER A 229 7.31 16.33 14.78
C SER A 229 8.43 15.83 13.88
N GLU A 230 8.32 16.10 12.59
CA GLU A 230 9.24 15.50 11.64
C GLU A 230 10.65 16.09 11.80
N VAL A 231 10.73 17.39 12.08
CA VAL A 231 12.02 18.04 12.27
C VAL A 231 12.68 17.54 13.55
N THR A 232 11.87 17.31 14.59
CA THR A 232 12.42 16.78 15.85
C THR A 232 13.04 15.40 15.65
N ASP A 233 12.33 14.56 14.89
CA ASP A 233 12.76 13.21 14.53
C ASP A 233 14.13 13.31 13.85
N VAL A 234 14.25 14.20 12.88
CA VAL A 234 15.54 14.41 12.19
C VAL A 234 16.63 14.89 13.16
N ASN A 235 16.30 15.84 14.04
CA ASN A 235 17.29 16.35 14.98
C ASN A 235 17.83 15.27 15.90
N ARG A 236 16.94 14.39 16.34
CA ARG A 236 17.34 13.31 17.23
C ARG A 236 18.13 12.22 16.47
N TYR A 237 17.83 12.03 15.20
CA TYR A 237 18.66 11.20 14.32
C TYR A 237 20.08 11.80 14.21
N ARG A 238 20.17 13.09 13.90
CA ARG A 238 21.47 13.76 13.76
C ARG A 238 22.29 13.72 15.05
N SER A 239 21.61 13.83 16.20
CA SER A 239 22.28 13.79 17.50
C SER A 239 22.72 12.37 17.90
N GLY A 240 22.32 11.36 17.13
CA GLY A 240 22.75 9.98 17.37
C GLY A 240 21.80 9.11 18.19
N GLU A 241 20.66 9.64 18.60
CA GLU A 241 19.69 8.85 19.36
C GLU A 241 18.88 7.89 18.50
N ILE A 242 18.50 8.32 17.29
CA ILE A 242 17.62 7.56 16.43
C ILE A 242 18.42 7.00 15.24
N ASP A 243 18.20 5.73 14.90
CA ASP A 243 18.92 5.03 13.81
C ASP A 243 18.18 5.12 12.47
N MET A 244 16.86 5.25 12.57
CA MET A 244 15.98 5.32 11.43
C MET A 244 14.81 6.22 11.76
N THR A 245 14.63 7.27 10.98
CA THR A 245 13.51 8.16 11.15
C THR A 245 12.25 7.54 10.56
N ASN A 246 11.14 8.21 10.82
CA ASN A 246 9.89 7.85 10.24
C ASN A 246 9.97 8.25 8.78
N ASN A 247 9.19 7.58 7.92
CA ASN A 247 9.23 7.91 6.48
C ASN A 247 8.37 9.10 6.07
N SER A 248 8.67 10.25 6.68
CA SER A 248 8.00 11.50 6.35
C SER A 248 8.86 12.70 6.75
N MET A 249 8.93 13.70 5.88
CA MET A 249 9.59 14.95 6.23
C MET A 249 9.18 16.08 5.28
N PRO A 250 9.27 17.34 5.74
CA PRO A 250 8.95 18.46 4.84
C PRO A 250 9.95 18.58 3.68
N ILE A 251 9.62 19.38 2.67
CA ILE A 251 10.43 19.45 1.44
C ILE A 251 11.73 20.23 1.65
N GLU A 252 11.66 21.37 2.33
CA GLU A 252 12.87 22.19 2.53
C GLU A 252 13.96 21.50 3.38
N LEU A 253 13.54 20.63 4.30
CA LEU A 253 14.47 19.87 5.12
C LEU A 253 15.01 18.67 4.33
N PHE A 254 14.12 18.05 3.54
CA PHE A 254 14.51 17.01 2.61
C PHE A 254 15.64 17.52 1.71
N GLN A 255 15.48 18.74 1.18
CA GLN A 255 16.43 19.31 0.22
C GLN A 255 17.77 19.52 0.88
N LYS A 256 17.76 20.03 2.11
CA LYS A 256 18.99 20.30 2.84
C LYS A 256 19.73 19.01 3.23
N LEU A 257 18.96 18.02 3.69
CA LEU A 257 19.52 16.73 4.07
C LEU A 257 20.15 16.01 2.86
N LYS A 258 19.48 16.02 1.73
CA LYS A 258 20.03 15.37 0.54
C LYS A 258 21.39 15.96 0.14
N LYS A 259 21.60 17.26 0.41
CA LYS A 259 22.90 17.90 0.15
C LYS A 259 23.99 17.47 1.13
N GLU A 260 23.66 17.25 2.40
CA GLU A 260 24.66 17.02 3.43
C GLU A 260 24.91 15.53 3.72
N ILE A 261 23.91 14.67 3.50
CA ILE A 261 24.08 13.23 3.77
C ILE A 261 23.22 12.41 2.80
N PRO A 262 23.46 12.56 1.48
CA PRO A 262 22.55 12.00 0.49
C PRO A 262 22.35 10.49 0.57
N ASP A 263 23.40 9.74 0.93
CA ASP A 263 23.30 8.27 0.96
C ASP A 263 22.44 7.82 2.13
N GLU A 264 22.32 8.67 3.14
CA GLU A 264 21.47 8.37 4.31
C GLU A 264 20.00 8.69 4.07
N VAL A 265 19.70 9.51 3.07
CA VAL A 265 18.32 9.86 2.77
C VAL A 265 17.81 8.86 1.74
N HIS A 266 17.04 7.90 2.20
CA HIS A 266 16.50 6.85 1.34
C HIS A 266 15.15 7.29 0.75
N VAL A 267 15.10 7.41 -0.58
CA VAL A 267 13.91 7.87 -1.28
C VAL A 267 13.45 6.72 -2.14
N ASP A 268 12.38 6.07 -1.71
CA ASP A 268 12.01 4.75 -2.19
C ASP A 268 10.58 4.78 -2.84
N PRO A 269 10.44 4.24 -4.07
CA PRO A 269 9.09 4.15 -4.65
C PRO A 269 8.07 3.45 -3.76
N TYR A 270 6.84 3.94 -3.80
CA TYR A 270 5.76 3.40 -2.99
C TYR A 270 4.52 3.28 -3.84
N LEU A 271 3.72 2.24 -3.61
CA LEU A 271 2.57 1.94 -4.48
C LEU A 271 1.36 2.83 -4.25
N CYS A 272 1.51 4.13 -4.50
CA CYS A 272 0.41 5.07 -4.58
C CYS A 272 0.60 5.91 -5.83
N THR A 273 -0.51 6.31 -6.45
CA THR A 273 -0.48 7.19 -7.62
C THR A 273 -1.33 8.41 -7.31
N TYR A 274 -0.77 9.57 -7.60
CA TYR A 274 -1.48 10.86 -7.52
C TYR A 274 -2.02 11.14 -8.90
N TYR A 275 -3.32 11.45 -8.99
CA TYR A 275 -3.91 11.75 -10.27
C TYR A 275 -5.13 12.64 -10.12
N TYR A 276 -5.58 13.21 -11.23
CA TYR A 276 -6.85 13.89 -11.29
C TYR A 276 -7.86 12.95 -11.93
N GLU A 277 -8.90 12.66 -11.16
CA GLU A 277 -9.98 11.78 -11.56
C GLU A 277 -10.96 12.58 -12.40
N ILE A 278 -11.22 12.13 -13.63
CA ILE A 278 -12.21 12.76 -14.50
C ILE A 278 -13.54 12.05 -14.32
N ASN A 279 -14.63 12.80 -14.14
CA ASN A 279 -15.96 12.20 -14.13
C ASN A 279 -16.34 11.88 -15.56
N ASN A 280 -16.12 10.62 -15.97
CA ASN A 280 -16.32 10.21 -17.37
C ASN A 280 -17.78 10.21 -17.86
N GLN A 281 -18.75 10.33 -16.96
N GLN A 281 -18.74 10.31 -16.94
CA GLN A 281 -20.16 10.30 -17.35
CA GLN A 281 -20.16 10.30 -17.29
C GLN A 281 -20.83 11.67 -17.46
C GLN A 281 -20.74 11.68 -17.60
N LYS A 282 -20.13 12.75 -17.07
CA LYS A 282 -20.71 14.12 -17.18
C LYS A 282 -20.16 14.94 -18.37
N PRO A 283 -21.06 15.35 -19.29
CA PRO A 283 -20.64 16.23 -20.39
C PRO A 283 -20.00 17.52 -19.87
N PRO A 284 -18.93 18.00 -20.53
CA PRO A 284 -18.23 17.51 -21.72
C PRO A 284 -17.15 16.46 -21.47
N PHE A 285 -17.04 15.95 -20.25
CA PHE A 285 -15.94 15.05 -19.90
C PHE A 285 -16.19 13.61 -20.34
N ASN A 286 -17.32 13.37 -21.00
CA ASN A 286 -17.59 12.09 -21.67
C ASN A 286 -17.01 12.07 -23.07
N ASP A 287 -16.32 13.15 -23.44
CA ASP A 287 -15.70 13.31 -24.75
C ASP A 287 -14.21 12.98 -24.60
N VAL A 288 -13.78 11.87 -25.20
CA VAL A 288 -12.37 11.43 -25.06
C VAL A 288 -11.35 12.50 -25.48
N ARG A 289 -11.72 13.38 -26.40
CA ARG A 289 -10.80 14.40 -26.89
C ARG A 289 -10.56 15.43 -25.78
N VAL A 290 -11.61 15.79 -25.04
CA VAL A 290 -11.51 16.69 -23.90
C VAL A 290 -10.62 16.04 -22.81
N ARG A 291 -10.93 14.80 -22.45
CA ARG A 291 -10.14 14.09 -21.43
C ARG A 291 -8.67 13.98 -21.82
N THR A 292 -8.43 13.62 -23.09
CA THR A 292 -7.06 13.51 -23.61
C THR A 292 -6.37 14.89 -23.48
N ALA A 293 -7.03 15.98 -23.90
CA ALA A 293 -6.43 17.33 -23.75
C ALA A 293 -5.98 17.66 -22.33
N LEU A 294 -6.83 17.37 -21.37
CA LEU A 294 -6.50 17.55 -19.95
C LEU A 294 -5.31 16.71 -19.52
N LYS A 295 -5.26 15.48 -19.99
CA LYS A 295 -4.18 14.56 -19.68
C LYS A 295 -2.87 15.10 -20.22
N LEU A 296 -2.87 15.54 -21.47
CA LEU A 296 -1.66 16.01 -22.13
C LEU A 296 -1.21 17.41 -21.66
N GLY A 297 -2.16 18.25 -21.26
CA GLY A 297 -1.87 19.64 -20.89
C GLY A 297 -1.13 19.79 -19.57
N MET A 298 -1.40 18.89 -18.64
CA MET A 298 -0.70 18.84 -17.37
C MET A 298 0.80 18.65 -17.64
N ASP A 299 1.62 19.40 -16.92
CA ASP A 299 3.09 19.26 -16.99
C ASP A 299 3.57 18.57 -15.71
N ARG A 300 3.77 17.27 -15.81
CA ARG A 300 4.20 16.46 -14.68
C ARG A 300 5.58 16.86 -14.16
N ASP A 301 6.50 17.20 -15.07
CA ASP A 301 7.85 17.65 -14.71
C ASP A 301 7.86 18.88 -13.81
N ILE A 302 7.01 19.86 -14.13
CA ILE A 302 6.89 21.04 -13.28
C ILE A 302 6.33 20.67 -11.90
N ILE A 303 5.28 19.84 -11.89
CA ILE A 303 4.68 19.42 -10.62
C ILE A 303 5.70 18.72 -9.72
N VAL A 304 6.54 17.90 -10.34
CA VAL A 304 7.44 17.00 -9.64
C VAL A 304 8.81 17.63 -9.27
N ASN A 305 9.35 18.48 -10.14
CA ASN A 305 10.67 19.12 -9.93
C ASN A 305 10.60 20.55 -9.37
N LYS A 306 9.48 21.23 -9.56
CA LYS A 306 9.32 22.60 -9.08
C LYS A 306 8.37 22.68 -7.88
N VAL A 307 7.12 22.28 -8.10
CA VAL A 307 6.06 22.41 -7.08
C VAL A 307 6.19 21.36 -5.97
N LYS A 308 7.14 20.44 -6.10
CA LYS A 308 7.32 19.37 -5.13
C LYS A 308 8.80 19.22 -4.78
N ALA A 309 9.59 18.76 -5.75
CA ALA A 309 11.02 18.49 -5.58
C ALA A 309 11.30 17.46 -4.46
N GLN A 310 10.40 16.50 -4.29
CA GLN A 310 10.52 15.45 -3.26
C GLN A 310 10.95 14.14 -3.87
N GLY A 311 11.32 14.15 -5.15
CA GLY A 311 11.68 12.93 -5.84
C GLY A 311 10.49 12.05 -6.26
N ASN A 312 9.27 12.57 -6.25
CA ASN A 312 8.12 11.86 -6.85
C ASN A 312 8.34 11.67 -8.37
N MET A 313 7.94 10.54 -8.92
N MET A 313 7.90 10.54 -8.91
CA MET A 313 8.19 10.20 -10.32
CA MET A 313 8.15 10.14 -10.30
C MET A 313 6.98 10.52 -11.21
C MET A 313 6.96 10.53 -11.21
N PRO A 314 7.22 11.22 -12.34
CA PRO A 314 6.13 11.57 -13.26
C PRO A 314 5.38 10.34 -13.75
N ALA A 315 4.05 10.39 -13.68
CA ALA A 315 3.22 9.23 -13.99
C ALA A 315 2.63 9.28 -15.42
N TYR A 316 2.68 8.14 -16.10
CA TYR A 316 2.05 7.99 -17.40
C TYR A 316 0.82 7.08 -17.40
N GLY A 317 0.49 6.55 -16.24
CA GLY A 317 -0.65 5.64 -16.09
C GLY A 317 -1.08 5.53 -14.65
N TYR A 318 -1.84 4.49 -14.36
CA TYR A 318 -2.52 4.33 -13.07
C TYR A 318 -1.73 3.39 -12.17
N THR A 319 -1.62 2.11 -12.56
CA THR A 319 -0.81 1.13 -11.86
C THR A 319 0.66 1.56 -11.86
N PRO A 320 1.30 1.67 -10.69
CA PRO A 320 2.72 2.02 -10.71
C PRO A 320 3.56 0.95 -11.41
N PRO A 321 4.54 1.36 -12.23
CA PRO A 321 5.25 0.37 -13.02
C PRO A 321 6.14 -0.59 -12.22
N TYR A 322 6.44 -0.23 -10.97
CA TYR A 322 7.22 -1.05 -10.04
C TYR A 322 6.34 -1.95 -9.17
N THR A 323 5.05 -2.00 -9.49
CA THR A 323 4.16 -3.02 -8.99
C THR A 323 4.66 -4.40 -9.46
N ASP A 324 4.74 -5.35 -8.52
CA ASP A 324 5.13 -6.72 -8.86
C ASP A 324 4.02 -7.37 -9.71
N GLY A 325 4.40 -7.90 -10.88
CA GLY A 325 3.42 -8.36 -11.87
C GLY A 325 3.15 -7.38 -13.01
N ALA A 326 3.71 -6.17 -12.90
CA ALA A 326 3.59 -5.16 -13.94
C ALA A 326 4.85 -5.10 -14.82
N LYS A 327 4.63 -5.02 -16.12
CA LYS A 327 5.68 -4.69 -17.11
C LYS A 327 5.09 -3.68 -18.07
N LEU A 328 5.03 -2.42 -17.66
CA LEU A 328 4.25 -1.42 -18.38
C LEU A 328 5.03 -0.74 -19.50
N THR A 329 4.32 -0.39 -20.56
CA THR A 329 4.87 0.36 -21.69
C THR A 329 4.57 1.85 -21.44
N GLN A 330 5.55 2.71 -21.66
CA GLN A 330 5.30 4.15 -21.61
C GLN A 330 4.59 4.52 -22.92
N PRO A 331 3.47 5.28 -22.84
CA PRO A 331 2.80 5.66 -24.07
C PRO A 331 3.59 6.74 -24.79
N GLU A 332 3.45 6.80 -26.11
CA GLU A 332 4.21 7.73 -26.95
C GLU A 332 4.11 9.18 -26.50
N TRP A 333 2.92 9.60 -26.04
CA TRP A 333 2.72 11.01 -25.69
C TRP A 333 3.61 11.47 -24.53
N PHE A 334 3.96 10.53 -23.66
CA PHE A 334 4.79 10.80 -22.50
C PHE A 334 6.25 11.15 -22.87
N GLY A 335 6.69 10.67 -24.04
CA GLY A 335 8.05 10.92 -24.52
C GLY A 335 8.16 12.11 -25.46
N TRP A 336 7.03 12.76 -25.73
CA TRP A 336 7.03 14.03 -26.43
C TRP A 336 7.50 15.12 -25.49
N SER A 337 7.77 16.29 -26.07
CA SER A 337 8.04 17.50 -25.29
C SER A 337 6.71 18.05 -24.79
N GLN A 338 6.73 18.90 -23.76
CA GLN A 338 5.48 19.47 -23.24
C GLN A 338 4.78 20.36 -24.25
N GLU A 339 5.55 21.16 -25.00
CA GLU A 339 4.95 21.99 -26.06
C GLU A 339 4.20 21.14 -27.10
N LYS A 340 4.86 20.09 -27.57
CA LYS A 340 4.26 19.14 -28.52
C LYS A 340 2.96 18.53 -27.94
N ARG A 341 2.98 18.24 -26.64
CA ARG A 341 1.78 17.81 -25.91
C ARG A 341 0.71 18.90 -25.91
N ASN A 342 1.12 20.12 -25.57
CA ASN A 342 0.21 21.27 -25.55
C ASN A 342 -0.47 21.51 -26.90
N GLU A 343 0.33 21.47 -27.97
CA GLU A 343 -0.16 21.63 -29.35
C GLU A 343 -1.21 20.59 -29.71
N GLU A 344 -0.84 19.32 -29.52
CA GLU A 344 -1.74 18.21 -29.81
C GLU A 344 -3.02 18.33 -28.96
N ALA A 345 -2.88 18.75 -27.72
CA ALA A 345 -4.02 18.99 -26.83
C ALA A 345 -4.97 20.05 -27.38
N LYS A 346 -4.45 21.25 -27.66
CA LYS A 346 -5.29 22.36 -28.13
C LYS A 346 -6.05 21.99 -29.41
N LYS A 347 -5.38 21.26 -30.28
CA LYS A 347 -5.97 20.65 -31.48
C LYS A 347 -7.20 19.81 -31.15
N LEU A 348 -7.06 18.93 -30.14
CA LEU A 348 -8.15 18.07 -29.69
C LEU A 348 -9.32 18.91 -29.16
N LEU A 349 -9.00 19.95 -28.38
CA LEU A 349 -10.01 20.83 -27.83
C LEU A 349 -10.73 21.57 -28.96
N ALA A 350 -9.98 21.97 -29.99
CA ALA A 350 -10.57 22.66 -31.17
C ALA A 350 -11.63 21.80 -31.84
N GLU A 351 -11.33 20.50 -32.01
CA GLU A 351 -12.29 19.55 -32.59
C GLU A 351 -13.55 19.41 -31.74
N ALA A 352 -13.40 19.54 -30.43
CA ALA A 352 -14.53 19.46 -29.51
C ALA A 352 -15.26 20.80 -29.35
N GLY A 353 -14.84 21.82 -30.11
CA GLY A 353 -15.57 23.09 -30.19
C GLY A 353 -15.04 24.19 -29.29
N TYR A 354 -13.89 23.93 -28.66
CA TYR A 354 -13.27 24.86 -27.72
C TYR A 354 -12.01 25.43 -28.37
N THR A 355 -12.06 26.72 -28.70
CA THR A 355 -10.92 27.46 -29.24
C THR A 355 -10.72 28.71 -28.38
N ALA A 356 -9.73 29.55 -28.72
CA ALA A 356 -9.36 30.71 -27.88
C ALA A 356 -10.53 31.67 -27.60
N ASP A 357 -11.40 31.87 -28.58
CA ASP A 357 -12.58 32.70 -28.39
C ASP A 357 -13.64 32.06 -27.49
N LYS A 358 -13.69 30.73 -27.45
CA LYS A 358 -14.75 30.00 -26.76
C LYS A 358 -14.18 28.80 -26.01
N PRO A 359 -13.42 29.07 -24.93
CA PRO A 359 -12.63 28.06 -24.21
C PRO A 359 -13.41 27.23 -23.20
N LEU A 360 -12.80 26.14 -22.75
CA LEU A 360 -13.42 25.24 -21.76
C LEU A 360 -13.18 25.76 -20.36
N THR A 361 -14.21 25.71 -19.53
CA THR A 361 -14.01 25.89 -18.11
C THR A 361 -14.33 24.59 -17.39
N ILE A 362 -13.43 24.18 -16.50
CA ILE A 362 -13.63 23.01 -15.66
C ILE A 362 -13.56 23.41 -14.19
N ASN A 363 -14.36 22.75 -13.37
CA ASN A 363 -14.24 22.85 -11.93
C ASN A 363 -13.32 21.75 -11.42
N LEU A 364 -12.40 22.09 -10.52
CA LEU A 364 -11.46 21.13 -9.95
C LEU A 364 -11.77 20.96 -8.47
N LEU A 365 -12.23 19.76 -8.10
CA LEU A 365 -12.58 19.42 -6.73
C LEU A 365 -11.37 18.82 -6.01
N TYR A 366 -11.11 19.30 -4.79
CA TYR A 366 -10.05 18.72 -3.95
C TYR A 366 -10.46 18.84 -2.47
N ASN A 367 -9.99 17.89 -1.65
CA ASN A 367 -10.23 17.93 -0.21
C ASN A 367 -9.29 18.91 0.48
N THR A 368 -9.81 19.63 1.46
CA THR A 368 -9.06 20.71 2.11
C THR A 368 -7.71 20.22 2.64
N SER A 369 -6.63 20.81 2.14
CA SER A 369 -5.26 20.37 2.44
C SER A 369 -4.23 21.31 1.83
N ASP A 370 -3.13 21.53 2.54
CA ASP A 370 -2.04 22.41 2.09
C ASP A 370 -1.37 21.87 0.83
N LEU A 371 -1.08 20.58 0.85
CA LEU A 371 -0.50 19.92 -0.32
C LEU A 371 -1.47 19.96 -1.50
N HIS A 372 -2.72 19.56 -1.25
CA HIS A 372 -3.72 19.42 -2.33
C HIS A 372 -4.17 20.78 -2.88
N LYS A 373 -4.23 21.78 -2.01
CA LYS A 373 -4.51 23.14 -2.43
C LYS A 373 -3.36 23.64 -3.32
N LYS A 374 -2.13 23.47 -2.85
CA LYS A 374 -0.93 23.90 -3.60
C LYS A 374 -0.86 23.25 -4.97
N LEU A 375 -1.06 21.95 -5.02
CA LEU A 375 -1.01 21.23 -6.29
C LEU A 375 -2.13 21.67 -7.20
N ALA A 376 -3.32 21.88 -6.62
CA ALA A 376 -4.50 22.29 -7.41
C ALA A 376 -4.34 23.69 -7.99
N ILE A 377 -3.68 24.61 -7.26
CA ILE A 377 -3.36 25.95 -7.80
C ILE A 377 -2.34 25.78 -8.93
N ALA A 378 -1.33 24.93 -8.70
CA ALA A 378 -0.34 24.62 -9.74
C ALA A 378 -1.00 23.95 -10.96
N ALA A 379 -1.94 23.04 -10.72
CA ALA A 379 -2.65 22.35 -11.82
C ALA A 379 -3.45 23.35 -12.65
N SER A 380 -4.22 24.19 -11.97
CA SER A 380 -5.01 25.23 -12.61
C SER A 380 -4.19 26.15 -13.50
N SER A 381 -3.06 26.62 -12.97
CA SER A 381 -2.17 27.52 -13.70
C SER A 381 -1.58 26.88 -14.97
N LEU A 382 -1.20 25.60 -14.89
CA LEU A 382 -0.61 24.91 -16.06
C LEU A 382 -1.64 24.68 -17.16
N TRP A 383 -2.85 24.28 -16.77
CA TRP A 383 -3.92 24.05 -17.75
C TRP A 383 -4.33 25.35 -18.43
N LYS A 384 -4.46 26.42 -17.65
CA LYS A 384 -4.74 27.75 -18.21
C LYS A 384 -3.70 28.11 -19.27
N LYS A 385 -2.45 28.13 -18.84
CA LYS A 385 -1.35 28.59 -19.67
C LYS A 385 -1.04 27.64 -20.82
N ASN A 386 -1.02 26.33 -20.55
CA ASN A 386 -0.58 25.37 -21.53
C ASN A 386 -1.62 25.10 -22.65
N ILE A 387 -2.90 25.08 -22.30
CA ILE A 387 -3.92 24.64 -23.27
C ILE A 387 -5.19 25.50 -23.32
N GLY A 388 -5.18 26.63 -22.62
CA GLY A 388 -6.26 27.59 -22.69
C GLY A 388 -7.49 27.17 -21.93
N VAL A 389 -7.33 26.27 -20.96
CA VAL A 389 -8.46 25.79 -20.16
C VAL A 389 -8.55 26.54 -18.84
N ASN A 390 -9.75 27.03 -18.52
CA ASN A 390 -10.00 27.79 -17.30
C ASN A 390 -10.44 26.85 -16.18
N VAL A 391 -9.95 27.08 -14.97
CA VAL A 391 -10.23 26.18 -13.85
C VAL A 391 -10.72 26.94 -12.62
N LYS A 392 -11.82 26.47 -12.03
CA LYS A 392 -12.36 27.03 -10.79
C LYS A 392 -12.16 26.03 -9.67
N LEU A 393 -11.29 26.36 -8.72
CA LEU A 393 -11.01 25.47 -7.57
C LEU A 393 -12.24 25.36 -6.65
N VAL A 394 -12.45 24.18 -6.09
CA VAL A 394 -13.64 23.86 -5.30
C VAL A 394 -13.24 22.86 -4.23
N ASN A 395 -13.33 23.26 -2.96
CA ASN A 395 -12.83 22.39 -1.86
C ASN A 395 -13.89 21.97 -0.82
N GLN A 396 -13.83 20.71 -0.39
CA GLN A 396 -14.82 20.13 0.51
C GLN A 396 -14.15 19.29 1.59
N GLU A 397 -14.91 18.94 2.62
CA GLU A 397 -14.36 18.16 3.74
C GLU A 397 -14.53 16.65 3.49
N TRP A 398 -13.54 15.88 3.93
CA TRP A 398 -13.39 14.47 3.56
C TRP A 398 -14.70 13.75 3.26
N LYS A 399 -15.59 13.66 4.24
CA LYS A 399 -16.86 12.93 4.09
C LYS A 399 -17.71 13.44 2.92
N THR A 400 -17.75 14.76 2.71
CA THR A 400 -18.51 15.37 1.62
C THR A 400 -17.80 15.20 0.27
N PHE A 401 -16.48 15.37 0.28
CA PHE A 401 -15.62 15.18 -0.88
C PHE A 401 -15.81 13.79 -1.47
N LEU A 402 -15.77 12.77 -0.61
CA LEU A 402 -16.01 11.38 -1.00
C LEU A 402 -17.44 11.14 -1.50
N ASP A 403 -18.43 11.65 -0.77
CA ASP A 403 -19.83 11.48 -1.15
C ASP A 403 -20.09 12.13 -2.51
N THR A 404 -19.56 13.33 -2.71
CA THR A 404 -19.67 14.06 -3.99
C THR A 404 -19.13 13.26 -5.17
N ARG A 405 -17.97 12.62 -4.96
CA ARG A 405 -17.35 11.79 -5.99
C ARG A 405 -18.20 10.57 -6.31
N HIS A 406 -18.72 9.88 -5.30
CA HIS A 406 -19.59 8.72 -5.52
C HIS A 406 -20.92 9.13 -6.19
N GLN A 407 -21.44 10.31 -5.85
CA GLN A 407 -22.64 10.87 -6.50
C GLN A 407 -22.41 11.40 -7.91
N GLY A 408 -21.15 11.69 -8.26
CA GLY A 408 -20.84 12.23 -9.59
C GLY A 408 -21.16 13.70 -9.79
N THR A 409 -21.18 14.48 -8.70
CA THR A 409 -21.44 15.92 -8.76
C THR A 409 -20.16 16.75 -8.88
N PHE A 410 -19.28 16.34 -9.79
CA PHE A 410 -18.02 17.03 -10.02
C PHE A 410 -17.56 16.89 -11.46
N ASP A 411 -16.59 17.72 -11.82
CA ASP A 411 -15.97 17.68 -13.13
C ASP A 411 -14.72 16.83 -13.08
N VAL A 412 -13.77 17.29 -12.26
CA VAL A 412 -12.48 16.66 -12.09
C VAL A 412 -12.13 16.75 -10.61
N ALA A 413 -11.53 15.71 -10.06
CA ALA A 413 -11.20 15.68 -8.64
C ALA A 413 -9.75 15.25 -8.37
N ARG A 414 -9.13 15.91 -7.39
CA ARG A 414 -7.86 15.45 -6.86
C ARG A 414 -8.09 14.03 -6.42
N ALA A 415 -7.18 13.14 -6.76
CA ALA A 415 -7.34 11.75 -6.34
C ALA A 415 -6.00 11.14 -6.01
N GLY A 416 -6.05 10.12 -5.17
CA GLY A 416 -4.89 9.28 -4.88
C GLY A 416 -5.40 7.86 -4.69
N TRP A 417 -4.69 6.86 -5.20
CA TRP A 417 -5.00 5.49 -4.85
C TRP A 417 -3.71 4.84 -4.36
N CYS A 418 -3.81 4.09 -3.27
CA CYS A 418 -2.69 3.32 -2.71
C CYS A 418 -3.08 1.85 -2.68
N ALA A 419 -2.17 0.98 -3.08
CA ALA A 419 -2.41 -0.45 -3.16
C ALA A 419 -2.45 -1.04 -1.76
N ASP A 420 -3.44 -1.89 -1.52
CA ASP A 420 -3.53 -2.74 -0.31
C ASP A 420 -2.65 -4.01 -0.40
N TYR A 421 -2.20 -4.35 -1.62
CA TYR A 421 -1.33 -5.49 -1.83
C TYR A 421 -0.58 -5.32 -3.14
N ASN A 422 0.57 -5.97 -3.21
CA ASN A 422 1.51 -5.72 -4.29
C ASN A 422 1.19 -6.62 -5.50
N GLU A 423 0.19 -6.22 -6.25
CA GLU A 423 -0.20 -6.92 -7.51
C GLU A 423 -1.08 -5.94 -8.31
N PRO A 424 -1.02 -5.97 -9.66
CA PRO A 424 -1.70 -4.90 -10.42
C PRO A 424 -3.21 -4.73 -10.20
N THR A 425 -3.90 -5.81 -9.87
CA THR A 425 -5.34 -5.76 -9.60
C THR A 425 -5.70 -4.83 -8.43
N SER A 426 -4.76 -4.61 -7.53
N SER A 426 -4.75 -4.62 -7.52
CA SER A 426 -5.00 -3.69 -6.43
CA SER A 426 -4.94 -3.68 -6.43
C SER A 426 -5.35 -2.28 -6.92
C SER A 426 -5.41 -2.31 -6.97
N PHE A 427 -4.82 -1.88 -8.08
CA PHE A 427 -5.22 -0.68 -8.77
C PHE A 427 -6.35 -0.98 -9.79
N LEU A 428 -6.11 -1.96 -10.66
CA LEU A 428 -6.92 -2.09 -11.86
C LEU A 428 -8.37 -2.45 -11.59
N ASN A 429 -8.64 -3.24 -10.55
CA ASN A 429 -10.02 -3.59 -10.23
C ASN A 429 -10.92 -2.40 -9.86
N THR A 430 -10.33 -1.27 -9.49
CA THR A 430 -11.11 -0.05 -9.15
C THR A 430 -11.73 0.63 -10.39
N MET A 431 -11.27 0.23 -11.58
CA MET A 431 -11.78 0.76 -12.83
C MET A 431 -12.76 -0.17 -13.55
N LEU A 432 -13.07 -1.34 -12.97
CA LEU A 432 -14.13 -2.18 -13.51
C LEU A 432 -15.44 -1.39 -13.48
N SER A 433 -16.30 -1.56 -14.50
CA SER A 433 -17.53 -0.77 -14.59
C SER A 433 -18.37 -0.83 -13.32
N ASN A 434 -18.38 -2.00 -12.69
CA ASN A 434 -19.27 -2.35 -11.58
C ASN A 434 -18.63 -2.13 -10.22
N SER A 435 -17.41 -1.62 -10.19
CA SER A 435 -16.68 -1.51 -8.94
C SER A 435 -17.29 -0.40 -8.09
N SER A 436 -17.51 -0.68 -6.82
CA SER A 436 -17.97 0.32 -5.87
C SER A 436 -16.89 1.38 -5.60
N MET A 437 -15.64 1.12 -6.03
CA MET A 437 -14.59 2.12 -5.91
C MET A 437 -14.43 2.99 -7.17
N ASN A 438 -15.20 2.75 -8.21
CA ASN A 438 -15.04 3.49 -9.47
C ASN A 438 -15.67 4.89 -9.45
N THR A 439 -14.95 5.85 -8.88
CA THR A 439 -15.44 7.22 -8.79
C THR A 439 -15.11 8.03 -10.04
N ALA A 440 -14.26 7.50 -10.91
CA ALA A 440 -14.12 8.00 -12.28
C ALA A 440 -15.36 7.78 -13.14
N HIS A 441 -16.28 6.93 -12.67
CA HIS A 441 -17.47 6.56 -13.43
C HIS A 441 -17.10 6.09 -14.84
N TYR A 442 -16.00 5.37 -14.91
CA TYR A 442 -15.45 4.83 -16.16
C TYR A 442 -16.10 3.48 -16.43
N LYS A 443 -16.61 3.31 -17.65
CA LYS A 443 -17.33 2.09 -18.01
C LYS A 443 -16.92 1.63 -19.40
N SER A 444 -15.92 0.75 -19.45
CA SER A 444 -15.37 0.25 -20.70
C SER A 444 -15.54 -1.26 -20.79
N PRO A 445 -16.39 -1.74 -21.73
CA PRO A 445 -16.51 -3.20 -21.86
C PRO A 445 -15.16 -3.87 -22.18
N ALA A 446 -14.34 -3.22 -23.01
CA ALA A 446 -13.02 -3.74 -23.32
C ALA A 446 -12.14 -3.87 -22.07
N PHE A 447 -12.11 -2.83 -21.24
CA PHE A 447 -11.36 -2.91 -19.99
C PHE A 447 -11.81 -4.09 -19.13
N ASP A 448 -13.13 -4.21 -18.96
CA ASP A 448 -13.66 -5.22 -18.08
C ASP A 448 -13.31 -6.58 -18.67
N SER A 449 -13.38 -6.67 -20.01
CA SER A 449 -13.08 -7.92 -20.70
C SER A 449 -11.62 -8.34 -20.54
N ILE A 450 -10.71 -7.38 -20.64
CA ILE A 450 -9.28 -7.65 -20.47
C ILE A 450 -9.06 -8.19 -19.05
N MET A 451 -9.63 -7.48 -18.06
CA MET A 451 -9.48 -7.89 -16.66
C MET A 451 -10.09 -9.24 -16.32
N ALA A 452 -11.28 -9.54 -16.85
CA ALA A 452 -11.90 -10.86 -16.67
C ALA A 452 -10.96 -11.97 -17.12
N GLU A 453 -10.30 -11.78 -18.26
CA GLU A 453 -9.40 -12.77 -18.78
C GLU A 453 -8.15 -12.96 -17.88
N THR A 454 -7.74 -11.94 -17.11
CA THR A 454 -6.55 -12.11 -16.27
C THR A 454 -6.75 -13.22 -15.21
N LEU A 455 -8.01 -13.49 -14.85
CA LEU A 455 -8.33 -14.54 -13.90
C LEU A 455 -8.45 -15.92 -14.53
N LYS A 456 -8.43 -16.01 -15.86
CA LYS A 456 -8.57 -17.29 -16.56
C LYS A 456 -7.23 -17.86 -16.97
N VAL A 457 -6.29 -17.01 -17.38
CA VAL A 457 -4.98 -17.48 -17.82
C VAL A 457 -4.24 -18.14 -16.65
N THR A 458 -3.40 -19.12 -16.96
CA THR A 458 -2.60 -19.78 -15.93
C THR A 458 -1.13 -19.35 -15.98
N ASP A 459 -0.73 -18.77 -17.09
CA ASP A 459 0.65 -18.36 -17.34
C ASP A 459 0.87 -16.94 -16.82
N GLU A 460 1.83 -16.76 -15.91
CA GLU A 460 2.16 -15.43 -15.35
C GLU A 460 2.54 -14.40 -16.41
N ALA A 461 3.31 -14.81 -17.42
CA ALA A 461 3.72 -13.89 -18.47
C ALA A 461 2.52 -13.39 -19.27
N GLN A 462 1.53 -14.27 -19.48
CA GLN A 462 0.30 -13.89 -20.20
C GLN A 462 -0.53 -12.93 -19.34
N ARG A 463 -0.57 -13.16 -18.04
CA ARG A 463 -1.32 -12.28 -17.14
C ARG A 463 -0.72 -10.88 -17.17
N THR A 464 0.60 -10.81 -16.97
CA THR A 464 1.35 -9.57 -17.05
C THR A 464 1.08 -8.80 -18.37
N ALA A 465 1.08 -9.51 -19.48
CA ALA A 465 0.77 -8.89 -20.79
C ALA A 465 -0.68 -8.32 -20.81
N LEU A 466 -1.60 -9.01 -20.14
CA LEU A 466 -2.99 -8.57 -20.10
C LEU A 466 -3.13 -7.33 -19.22
N TYR A 467 -2.44 -7.27 -18.07
CA TYR A 467 -2.43 -6.03 -17.29
C TYR A 467 -1.93 -4.85 -18.10
N THR A 468 -0.88 -5.07 -18.90
CA THR A 468 -0.37 -4.01 -19.78
C THR A 468 -1.45 -3.53 -20.77
N LYS A 469 -2.16 -4.48 -21.37
CA LYS A 469 -3.29 -4.16 -22.24
C LYS A 469 -4.38 -3.37 -21.52
N ALA A 470 -4.64 -3.72 -20.26
CA ALA A 470 -5.64 -3.00 -19.46
C ALA A 470 -5.21 -1.53 -19.25
N GLU A 471 -3.95 -1.31 -18.86
CA GLU A 471 -3.41 0.06 -18.74
C GLU A 471 -3.48 0.82 -20.07
N GLN A 472 -3.15 0.13 -21.16
CA GLN A 472 -3.23 0.73 -22.50
C GLN A 472 -4.66 1.17 -22.85
N GLN A 473 -5.65 0.36 -22.46
CA GLN A 473 -7.06 0.71 -22.69
C GLN A 473 -7.43 1.95 -21.87
N LEU A 474 -7.04 1.98 -20.61
CA LEU A 474 -7.28 3.12 -19.72
C LEU A 474 -6.71 4.42 -20.30
N ASP A 475 -5.48 4.33 -20.77
CA ASP A 475 -4.81 5.48 -21.34
C ASP A 475 -5.46 5.91 -22.66
N LYS A 476 -5.86 4.96 -23.51
CA LYS A 476 -6.51 5.26 -24.81
C LYS A 476 -7.83 6.01 -24.59
N ASP A 477 -8.54 5.65 -23.52
CA ASP A 477 -9.79 6.29 -23.13
C ASP A 477 -9.56 7.56 -22.27
N SER A 478 -8.31 7.83 -21.91
CA SER A 478 -7.97 8.93 -20.99
C SER A 478 -8.99 9.01 -19.84
N ALA A 479 -9.10 7.91 -19.11
CA ALA A 479 -10.02 7.83 -17.96
C ALA A 479 -9.63 8.82 -16.88
N ILE A 480 -8.32 9.00 -16.71
CA ILE A 480 -7.76 9.89 -15.68
C ILE A 480 -6.63 10.74 -16.25
N VAL A 481 -6.16 11.69 -15.43
CA VAL A 481 -4.95 12.43 -15.69
C VAL A 481 -3.90 11.97 -14.67
N PRO A 482 -3.01 11.05 -15.08
CA PRO A 482 -1.94 10.67 -14.14
C PRO A 482 -0.96 11.84 -13.88
N VAL A 483 -0.57 12.02 -12.62
CA VAL A 483 0.33 13.14 -12.26
C VAL A 483 1.66 12.56 -11.76
N TYR A 484 1.67 11.85 -10.63
CA TYR A 484 2.91 11.18 -10.21
C TYR A 484 2.72 9.93 -9.36
N TYR A 485 3.76 9.08 -9.38
CA TYR A 485 3.86 7.92 -8.48
C TYR A 485 4.61 8.36 -7.22
N TYR A 486 4.10 7.94 -6.07
CA TYR A 486 4.63 8.38 -4.77
C TYR A 486 5.97 7.75 -4.44
N VAL A 487 6.75 8.48 -3.64
CA VAL A 487 7.93 7.94 -2.98
C VAL A 487 7.79 8.23 -1.48
N ASN A 488 8.44 7.45 -0.64
CA ASN A 488 8.59 7.83 0.77
C ASN A 488 10.07 7.98 1.11
N ALA A 489 10.39 9.04 1.83
CA ALA A 489 11.75 9.36 2.19
C ALA A 489 11.96 9.07 3.67
N ARG A 490 13.08 8.44 4.01
CA ARG A 490 13.52 8.32 5.40
C ARG A 490 15.03 8.35 5.54
N LEU A 491 15.47 8.66 6.75
CA LEU A 491 16.90 8.64 7.08
C LEU A 491 17.25 7.31 7.72
N VAL A 492 18.35 6.73 7.27
CA VAL A 492 18.81 5.47 7.80
C VAL A 492 20.32 5.56 7.97
N LYS A 493 20.80 5.24 9.16
CA LYS A 493 22.23 5.36 9.43
C LYS A 493 23.02 4.40 8.51
N PRO A 494 24.24 4.80 8.13
CA PRO A 494 24.98 3.96 7.18
C PRO A 494 25.38 2.58 7.72
N TRP A 495 25.38 2.41 9.04
CA TRP A 495 25.68 1.13 9.66
C TRP A 495 24.42 0.28 9.91
N VAL A 496 23.25 0.73 9.44
CA VAL A 496 22.03 -0.10 9.50
C VAL A 496 21.91 -0.87 8.19
N GLY A 497 22.09 -2.17 8.28
CA GLY A 497 22.08 -3.07 7.14
C GLY A 497 20.74 -3.76 7.03
N GLY A 498 20.47 -4.28 5.85
CA GLY A 498 19.24 -5.02 5.61
C GLY A 498 18.03 -4.19 5.22
N TYR A 499 18.24 -2.89 4.96
CA TYR A 499 17.18 -2.01 4.44
C TYR A 499 17.51 -1.70 3.00
N THR A 500 16.73 -2.24 2.07
CA THR A 500 17.02 -2.07 0.66
C THR A 500 16.13 -1.00 0.01
N GLY A 501 14.93 -0.80 0.53
CA GLY A 501 13.96 0.09 -0.11
C GLY A 501 13.32 -0.44 -1.40
N LYS A 502 13.51 -1.72 -1.71
CA LYS A 502 13.01 -2.32 -2.95
C LYS A 502 11.57 -2.84 -2.82
N ASP A 503 11.02 -2.82 -1.61
CA ASP A 503 9.65 -3.22 -1.38
C ASP A 503 8.75 -2.00 -1.46
N PRO A 504 7.89 -1.93 -2.49
CA PRO A 504 7.10 -0.70 -2.68
C PRO A 504 5.91 -0.56 -1.75
N LEU A 505 5.74 -1.51 -0.84
CA LEU A 505 4.81 -1.32 0.25
C LEU A 505 5.53 -1.17 1.60
N ASP A 506 6.87 -1.13 1.56
CA ASP A 506 7.66 -0.80 2.74
C ASP A 506 7.26 -1.77 3.86
N ASN A 507 7.07 -3.03 3.48
CA ASN A 507 6.73 -4.07 4.44
C ASN A 507 8.01 -4.68 4.94
N THR A 508 8.70 -3.96 5.81
CA THR A 508 9.99 -4.40 6.32
C THR A 508 9.89 -5.06 7.71
N TYR A 509 10.97 -5.69 8.13
CA TYR A 509 10.98 -6.49 9.36
C TYR A 509 12.31 -6.28 10.05
N THR A 510 12.26 -6.07 11.36
CA THR A 510 13.49 -5.89 12.14
C THR A 510 14.39 -7.14 12.02
N ARG A 511 13.78 -8.32 11.90
CA ARG A 511 14.52 -9.58 11.70
C ARG A 511 15.39 -9.66 10.42
N ASN A 512 15.13 -8.78 9.47
CA ASN A 512 16.00 -8.66 8.27
C ASN A 512 17.21 -7.73 8.42
N MET A 513 17.27 -6.97 9.51
CA MET A 513 18.28 -5.93 9.68
C MET A 513 19.43 -6.36 10.60
N TYR A 514 20.49 -5.56 10.61
CA TYR A 514 21.70 -5.87 11.38
C TYR A 514 22.52 -4.59 11.50
N ILE A 515 23.28 -4.48 12.58
CA ILE A 515 24.13 -3.29 12.82
C ILE A 515 25.59 -3.61 12.46
N VAL A 516 26.10 -2.90 11.46
CA VAL A 516 27.47 -3.05 11.03
C VAL A 516 28.39 -2.33 12.02
N LYS A 517 29.53 -2.94 12.35
CA LYS A 517 30.50 -2.32 13.24
C LYS A 517 30.93 -0.96 12.69
N HIS A 518 30.91 0.09 13.52
CA HIS A 518 31.25 1.46 13.05
C HIS A 518 32.01 2.28 14.10
#